data_7N7M
#
_entry.id   7N7M
#
_cell.length_a   136.411
_cell.length_b   136.411
_cell.length_c   95.006
_cell.angle_alpha   90.000
_cell.angle_beta   90.000
_cell.angle_gamma   120.000
#
_symmetry.space_group_name_H-M   'P 61 2 2'
#
loop_
_entity.id
_entity.type
_entity.pdbx_description
1 polymer 'Phosphatidylinositol 5-phosphate 4-kinase type-2 alpha'
2 non-polymer 4-{[(7R)-8-cyclopentyl-7-ethyl-5-methyl-6-oxo-5,6,7,8-tetrahydropteridin-2-yl]amino}-3-methoxy-N-(1-methylpiperidin-4-yl)benzamide
3 non-polymer 'SULFATE ION'
4 water water
#
_entity_poly.entity_id   1
_entity_poly.type   'polypeptide(L)'
_entity_poly.pdbx_seq_one_letter_code
;GSHMASDPLLSVLMWGVNHSINELSHVQIPVMLMPDDFKAYSKIKVDNHLFNKENMPSHFKFKEYCPMVFRNLRERFGID
DQDFQNSLTRSAPLPNDSQARSGARFHTSYDKRYIIKTITSEDVAEMHNILKKYHQYIVECHGITLLPQFLGMYRLNVDG
VEIYVIVTRNVFSHRLSVYRKYDLKGSTVAREASDKEKAKELPTLKDNDFINEGQKIYIDDNNKKVFLEKLKKDVEFLAQ
LKLMDYSLLVGIHDVERAEQEEVECEENDGEEEGESDGTHPVGTPPDSPGNTLNSSPPLAPGEFDPNIDVYGIKCHENSP
RKEVYFMAIIDILTHYDAKKKAAHAAKTVKHGAGAEISTVNPEQYSKRFLDFIGHIL
;
_entity_poly.pdbx_strand_id   A
#
loop_
_chem_comp.id
_chem_comp.type
_chem_comp.name
_chem_comp.formula
R78 non-polymer 4-{[(7R)-8-cyclopentyl-7-ethyl-5-methyl-6-oxo-5,6,7,8-tetrahydropteridin-2-yl]amino}-3-methoxy-N-(1-methylpiperidin-4-yl)benzamide 'C28 H39 N7 O3'
SO4 non-polymer 'SULFATE ION' 'O4 S -2'
#
# COMPACT_ATOMS: atom_id res chain seq x y z
N SER A 6 -8.31 -22.66 -5.75
CA SER A 6 -8.79 -21.34 -6.24
C SER A 6 -10.05 -20.87 -5.51
N ASP A 7 -10.02 -19.61 -5.07
CA ASP A 7 -11.18 -18.91 -4.53
C ASP A 7 -11.68 -17.94 -5.63
N PRO A 8 -12.97 -18.03 -6.01
CA PRO A 8 -13.47 -17.39 -7.22
C PRO A 8 -13.14 -15.90 -7.36
N LEU A 9 -13.27 -15.15 -6.25
CA LEU A 9 -13.07 -13.71 -6.29
C LEU A 9 -11.66 -13.33 -6.65
N LEU A 10 -10.71 -14.14 -6.22
CA LEU A 10 -9.32 -13.99 -6.61
C LEU A 10 -9.08 -14.26 -8.08
N SER A 11 -9.74 -15.29 -8.62
CA SER A 11 -9.53 -15.69 -10.01
C SER A 11 -10.01 -14.55 -10.88
N VAL A 12 -11.12 -13.95 -10.49
CA VAL A 12 -11.69 -12.81 -11.20
C VAL A 12 -10.76 -11.59 -11.19
N LEU A 13 -10.14 -11.35 -10.04
CA LEU A 13 -9.15 -10.28 -9.92
C LEU A 13 -7.93 -10.49 -10.84
N MET A 14 -7.37 -11.70 -10.81
CA MET A 14 -6.24 -12.00 -11.69
C MET A 14 -6.65 -11.89 -13.16
N TRP A 15 -7.81 -12.46 -13.46
CA TRP A 15 -8.39 -12.40 -14.78
C TRP A 15 -8.52 -10.94 -15.20
N GLY A 16 -9.16 -10.17 -14.32
CA GLY A 16 -9.41 -8.75 -14.53
C GLY A 16 -8.18 -7.87 -14.69
N VAL A 17 -7.17 -8.09 -13.86
CA VAL A 17 -5.95 -7.31 -13.95
C VAL A 17 -5.25 -7.64 -15.27
N ASN A 18 -5.24 -8.93 -15.60
CA ASN A 18 -4.70 -9.38 -16.86
C ASN A 18 -5.41 -8.69 -18.04
N HIS A 19 -6.74 -8.76 -18.08
CA HIS A 19 -7.50 -8.14 -19.14
C HIS A 19 -7.22 -6.65 -19.24
N SER A 20 -7.27 -5.98 -18.10
CA SER A 20 -7.10 -4.54 -18.04
C SER A 20 -5.74 -4.08 -18.58
N ILE A 21 -4.66 -4.73 -18.13
CA ILE A 21 -3.34 -4.38 -18.60
C ILE A 21 -3.15 -4.68 -20.10
N ASN A 22 -3.72 -5.78 -20.59
CA ASN A 22 -3.70 -6.07 -22.05
C ASN A 22 -4.39 -4.98 -22.86
N GLU A 23 -5.55 -4.50 -22.40
CA GLU A 23 -6.24 -3.38 -23.07
C GLU A 23 -5.36 -2.14 -23.15
N LEU A 24 -4.70 -1.81 -22.04
CA LEU A 24 -3.92 -0.57 -21.96
C LEU A 24 -2.71 -0.60 -22.87
N SER A 25 -2.13 -1.80 -23.03
CA SER A 25 -0.96 -1.99 -23.88
C SER A 25 -1.22 -1.47 -25.30
N HIS A 26 -2.48 -1.47 -25.73
CA HIS A 26 -2.85 -0.95 -27.04
C HIS A 26 -3.11 0.54 -27.07
N VAL A 27 -3.55 1.10 -25.95
CA VAL A 27 -3.84 2.52 -25.84
C VAL A 27 -2.57 3.37 -25.99
N GLN A 28 -2.66 4.46 -26.75
CA GLN A 28 -1.57 5.43 -26.83
C GLN A 28 -1.55 6.25 -25.53
N ILE A 29 -0.42 6.21 -24.82
CA ILE A 29 -0.31 6.88 -23.53
C ILE A 29 0.32 8.28 -23.68
N PRO A 30 -0.47 9.35 -23.44
CA PRO A 30 0.11 10.71 -23.47
C PRO A 30 0.77 11.08 -22.13
N VAL A 31 1.52 12.19 -22.09
CA VAL A 31 2.15 12.62 -20.83
C VAL A 31 1.12 13.17 -19.84
N MET A 32 0.03 13.70 -20.37
CA MET A 32 -0.99 14.34 -19.52
C MET A 32 -2.29 13.58 -19.42
N LEU A 33 -2.89 13.71 -18.25
CA LEU A 33 -4.24 13.27 -17.98
C LEU A 33 -5.21 14.43 -18.15
N MET A 34 -6.40 14.15 -18.66
CA MET A 34 -7.44 15.15 -18.79
C MET A 34 -8.40 15.01 -17.60
N PRO A 35 -9.22 16.04 -17.33
CA PRO A 35 -10.07 15.91 -16.13
C PRO A 35 -11.04 14.73 -16.20
N ASP A 36 -11.46 14.36 -17.42
CA ASP A 36 -12.34 13.19 -17.64
C ASP A 36 -11.71 11.86 -17.23
N ASP A 37 -10.39 11.76 -17.34
CA ASP A 37 -9.65 10.57 -16.90
C ASP A 37 -9.92 10.22 -15.43
N PHE A 38 -10.25 11.23 -14.63
CA PHE A 38 -10.61 11.00 -13.23
C PHE A 38 -12.07 10.57 -13.01
N LYS A 39 -12.87 10.55 -14.07
CA LYS A 39 -14.25 10.12 -13.91
C LYS A 39 -14.52 8.84 -14.69
N ALA A 40 -13.45 8.26 -15.24
CA ALA A 40 -13.55 7.19 -16.22
C ALA A 40 -13.59 5.82 -15.58
N TYR A 41 -14.03 4.82 -16.35
CA TYR A 41 -13.94 3.42 -15.92
C TYR A 41 -14.16 2.48 -17.07
N SER A 42 -13.85 1.21 -16.87
CA SER A 42 -14.19 0.18 -17.84
C SER A 42 -14.80 -1.02 -17.13
N LYS A 43 -16.00 -1.40 -17.55
CA LYS A 43 -16.73 -2.54 -16.99
C LYS A 43 -16.68 -3.67 -18.00
N ILE A 44 -16.57 -4.89 -17.49
CA ILE A 44 -16.74 -6.07 -18.32
C ILE A 44 -17.60 -7.05 -17.54
N LYS A 45 -18.69 -7.50 -18.17
CA LYS A 45 -19.57 -8.54 -17.62
C LYS A 45 -19.37 -9.80 -18.47
N VAL A 46 -19.19 -10.94 -17.82
CA VAL A 46 -18.95 -12.21 -18.51
C VAL A 46 -19.97 -13.26 -18.13
N ASP A 47 -20.60 -13.88 -19.13
CA ASP A 47 -21.50 -15.00 -18.89
C ASP A 47 -21.09 -16.22 -19.72
N ASN A 48 -20.69 -17.27 -19.04
CA ASN A 48 -20.41 -18.54 -19.68
C ASN A 48 -21.53 -19.53 -19.37
N HIS A 49 -22.16 -20.02 -20.42
CA HIS A 49 -23.14 -21.06 -20.30
C HIS A 49 -22.49 -22.35 -20.74
N LEU A 50 -22.36 -23.29 -19.80
CA LEU A 50 -21.83 -24.64 -20.05
C LEU A 50 -20.45 -24.57 -20.68
N PHE A 51 -19.63 -23.67 -20.16
CA PHE A 51 -18.29 -23.46 -20.72
C PHE A 51 -17.31 -22.94 -19.68
N ASN A 52 -16.12 -23.55 -19.66
CA ASN A 52 -14.98 -23.06 -18.89
C ASN A 52 -15.19 -23.12 -17.37
N LYS A 53 -15.92 -24.14 -16.92
CA LYS A 53 -16.24 -24.30 -15.50
C LYS A 53 -15.01 -24.51 -14.61
N GLU A 54 -13.95 -25.07 -15.19
CA GLU A 54 -12.79 -25.49 -14.42
C GLU A 54 -11.92 -24.34 -13.86
N ASN A 55 -11.87 -23.21 -14.57
CA ASN A 55 -11.03 -22.09 -14.10
C ASN A 55 -11.85 -20.94 -13.51
N MET A 56 -12.70 -20.36 -14.35
CA MET A 56 -13.47 -19.18 -14.00
C MET A 56 -14.83 -19.56 -13.45
N PRO A 57 -15.41 -18.68 -12.61
CA PRO A 57 -16.85 -18.79 -12.36
C PRO A 57 -17.62 -18.49 -13.64
N SER A 58 -18.86 -18.91 -13.69
CA SER A 58 -19.70 -18.78 -14.87
C SER A 58 -20.17 -17.37 -15.10
N HIS A 59 -20.46 -16.65 -14.02
CA HIS A 59 -21.00 -15.30 -14.11
C HIS A 59 -20.24 -14.38 -13.17
N PHE A 60 -19.53 -13.43 -13.75
CA PHE A 60 -18.78 -12.43 -12.99
C PHE A 60 -18.71 -11.07 -13.68
N LYS A 61 -18.57 -10.01 -12.89
CA LYS A 61 -18.31 -8.67 -13.42
C LYS A 61 -16.98 -8.16 -12.90
N PHE A 62 -16.35 -7.29 -13.68
CA PHE A 62 -15.10 -6.69 -13.29
C PHE A 62 -15.09 -5.22 -13.73
N LYS A 63 -14.79 -4.32 -12.81
CA LYS A 63 -14.80 -2.89 -13.09
C LYS A 63 -13.48 -2.28 -12.67
N GLU A 64 -12.82 -1.58 -13.58
CA GLU A 64 -11.60 -0.87 -13.25
C GLU A 64 -11.85 0.63 -13.22
N TYR A 65 -11.52 1.27 -12.11
CA TYR A 65 -11.72 2.72 -11.98
C TYR A 65 -10.54 3.49 -12.52
N CYS A 66 -10.82 4.54 -13.31
CA CYS A 66 -9.82 5.51 -13.78
C CYS A 66 -8.56 4.80 -14.30
N PRO A 67 -8.73 3.90 -15.29
CA PRO A 67 -7.58 3.09 -15.70
C PRO A 67 -6.38 3.94 -16.13
N MET A 68 -6.63 5.06 -16.82
CA MET A 68 -5.56 5.98 -17.22
C MET A 68 -4.81 6.60 -16.05
N VAL A 69 -5.50 6.94 -14.97
CA VAL A 69 -4.84 7.56 -13.83
C VAL A 69 -3.88 6.57 -13.18
N PHE A 70 -4.34 5.34 -13.02
CA PHE A 70 -3.52 4.34 -12.36
C PHE A 70 -2.39 3.86 -13.26
N ARG A 71 -2.60 3.89 -14.57
CA ARG A 71 -1.55 3.61 -15.53
C ARG A 71 -0.44 4.64 -15.32
N ASN A 72 -0.84 5.90 -15.32
CA ASN A 72 0.07 7.01 -15.11
C ASN A 72 0.78 6.95 -13.74
N LEU A 73 0.04 6.62 -12.67
CA LEU A 73 0.64 6.47 -11.35
C LEU A 73 1.67 5.35 -11.32
N ARG A 74 1.35 4.20 -11.90
CA ARG A 74 2.28 3.07 -11.92
C ARG A 74 3.62 3.50 -12.48
N GLU A 75 3.60 4.14 -13.65
CA GLU A 75 4.83 4.57 -14.27
C GLU A 75 5.56 5.60 -13.41
N ARG A 76 4.82 6.52 -12.80
CA ARG A 76 5.45 7.50 -11.90
C ARG A 76 6.11 6.86 -10.68
N PHE A 77 5.65 5.68 -10.28
CA PHE A 77 6.23 4.97 -9.15
C PHE A 77 7.27 3.95 -9.62
N GLY A 78 7.62 4.01 -10.90
CA GLY A 78 8.69 3.20 -11.47
C GLY A 78 8.29 1.76 -11.71
N ILE A 79 6.99 1.51 -11.87
CA ILE A 79 6.47 0.17 -12.09
C ILE A 79 6.05 0.05 -13.55
N ASP A 80 6.59 -0.97 -14.22
CA ASP A 80 6.26 -1.29 -15.60
C ASP A 80 4.97 -2.14 -15.63
N ASP A 81 4.10 -1.88 -16.60
CA ASP A 81 2.80 -2.59 -16.64
C ASP A 81 2.89 -4.11 -16.79
N GLN A 82 3.89 -4.58 -17.52
CA GLN A 82 4.10 -6.02 -17.73
C GLN A 82 4.56 -6.73 -16.45
N ASP A 83 5.49 -6.12 -15.72
CA ASP A 83 5.93 -6.65 -14.44
C ASP A 83 4.77 -6.67 -13.45
N PHE A 84 4.02 -5.57 -13.41
CA PHE A 84 2.84 -5.48 -12.56
C PHE A 84 1.89 -6.60 -12.93
N GLN A 85 1.65 -6.80 -14.23
CA GLN A 85 0.79 -7.89 -14.70
C GLN A 85 1.30 -9.23 -14.18
N ASN A 86 2.55 -9.57 -14.49
CA ASN A 86 3.14 -10.86 -14.10
C ASN A 86 3.03 -11.09 -12.61
N SER A 87 3.39 -10.09 -11.80
CA SER A 87 3.33 -10.22 -10.34
C SER A 87 1.96 -10.58 -9.84
N LEU A 88 0.91 -10.11 -10.53
CA LEU A 88 -0.44 -10.42 -10.10
C LEU A 88 -1.06 -11.66 -10.76
N THR A 89 -0.48 -12.09 -11.88
CA THR A 89 -1.09 -13.15 -12.66
C THR A 89 -0.32 -14.50 -12.69
N ARG A 90 1.00 -14.48 -12.80
CA ARG A 90 1.80 -15.72 -12.93
C ARG A 90 1.44 -16.82 -11.91
N SER A 91 1.15 -16.42 -10.69
CA SER A 91 0.66 -17.34 -9.68
C SER A 91 -0.30 -16.59 -8.76
N ALA A 92 -1.18 -17.31 -8.06
CA ALA A 92 -2.16 -16.66 -7.19
C ALA A 92 -1.54 -15.81 -6.09
N PRO A 93 -2.20 -14.69 -5.73
CA PRO A 93 -1.91 -13.96 -4.51
C PRO A 93 -2.20 -14.77 -3.26
N LEU A 94 -1.39 -14.59 -2.22
CA LEU A 94 -1.51 -15.34 -0.96
C LEU A 94 -2.25 -14.57 0.13
N PRO A 95 -3.16 -15.25 0.87
CA PRO A 95 -4.02 -14.68 1.93
C PRO A 95 -3.29 -14.41 3.23
N ASN A 96 -4.00 -13.79 4.17
CA ASN A 96 -3.53 -13.59 5.56
C ASN A 96 -4.70 -13.70 6.57
N ASP A 97 -5.82 -14.25 6.13
CA ASP A 97 -7.05 -14.34 6.94
C ASP A 97 -7.13 -15.66 7.73
N ALA A 104 -10.48 -7.20 8.84
CA ALA A 104 -9.83 -6.72 7.62
C ALA A 104 -8.68 -7.65 7.18
N ARG A 105 -8.89 -8.37 6.08
CA ARG A 105 -7.88 -9.28 5.53
C ARG A 105 -7.20 -8.66 4.30
N PHE A 106 -6.01 -9.16 3.98
CA PHE A 106 -5.31 -8.70 2.79
C PHE A 106 -4.61 -9.82 2.06
N HIS A 107 -4.28 -9.59 0.79
CA HIS A 107 -3.47 -10.53 0.05
C HIS A 107 -2.18 -9.87 -0.34
N THR A 108 -1.17 -10.70 -0.63
CA THR A 108 0.09 -10.17 -1.10
C THR A 108 0.44 -10.89 -2.40
N SER A 109 1.01 -10.21 -3.39
CA SER A 109 1.33 -10.90 -4.63
C SER A 109 2.30 -12.05 -4.33
N TYR A 110 2.30 -13.08 -5.17
CA TYR A 110 3.15 -14.25 -4.91
C TYR A 110 4.63 -13.84 -4.77
N ASP A 111 5.05 -12.77 -5.46
CA ASP A 111 6.44 -12.29 -5.41
C ASP A 111 6.67 -11.24 -4.31
N LYS A 112 5.66 -11.07 -3.46
CA LYS A 112 5.72 -10.18 -2.29
C LYS A 112 5.88 -8.66 -2.60
N ARG A 113 5.81 -8.30 -3.88
CA ARG A 113 5.89 -6.90 -4.29
C ARG A 113 4.65 -6.05 -3.99
N TYR A 114 3.45 -6.62 -4.07
CA TYR A 114 2.20 -5.82 -3.99
C TYR A 114 1.23 -6.32 -2.93
N ILE A 115 0.44 -5.41 -2.39
CA ILE A 115 -0.59 -5.75 -1.40
C ILE A 115 -1.93 -5.50 -2.05
N ILE A 116 -2.87 -6.41 -1.78
CA ILE A 116 -4.23 -6.33 -2.28
C ILE A 116 -5.22 -6.41 -1.12
N LYS A 117 -5.92 -5.32 -0.86
CA LYS A 117 -6.78 -5.18 0.31
C LYS A 117 -8.20 -4.90 -0.14
N THR A 118 -9.15 -5.44 0.60
CA THR A 118 -10.56 -5.24 0.36
C THR A 118 -10.95 -3.93 1.02
N ILE A 119 -11.76 -3.13 0.34
CA ILE A 119 -12.18 -1.87 0.89
C ILE A 119 -13.69 -1.70 0.73
N THR A 120 -14.26 -0.71 1.40
CA THR A 120 -15.70 -0.53 1.34
C THR A 120 -16.05 0.38 0.18
N SER A 121 -17.32 0.41 -0.21
CA SER A 121 -17.73 1.32 -1.25
C SER A 121 -17.49 2.76 -0.80
N GLU A 122 -17.51 2.99 0.52
CA GLU A 122 -17.24 4.30 1.11
C GLU A 122 -15.80 4.72 0.88
N ASP A 123 -14.86 3.77 1.07
CA ASP A 123 -13.46 4.00 0.74
C ASP A 123 -13.24 4.31 -0.75
N VAL A 124 -14.00 3.65 -1.61
CA VAL A 124 -13.89 3.86 -3.03
C VAL A 124 -14.35 5.27 -3.34
N ALA A 125 -15.42 5.68 -2.65
CA ALA A 125 -15.96 7.02 -2.82
C ALA A 125 -14.95 8.07 -2.39
N GLU A 126 -14.27 7.82 -1.25
CA GLU A 126 -13.23 8.74 -0.77
C GLU A 126 -12.00 8.77 -1.70
N MET A 127 -11.59 7.61 -2.21
CA MET A 127 -10.53 7.54 -3.21
C MET A 127 -10.84 8.39 -4.41
N HIS A 128 -12.05 8.26 -4.93
CA HIS A 128 -12.45 9.11 -6.04
C HIS A 128 -12.38 10.55 -5.68
N ASN A 129 -12.74 10.83 -4.44
CA ASN A 129 -12.78 12.19 -4.02
C ASN A 129 -11.38 12.82 -3.97
N ILE A 130 -10.36 12.05 -3.61
CA ILE A 130 -9.03 12.63 -3.42
C ILE A 130 -8.03 12.32 -4.54
N LEU A 131 -8.46 11.60 -5.57
CA LEU A 131 -7.54 11.04 -6.53
C LEU A 131 -6.79 12.10 -7.31
N LYS A 132 -7.50 13.15 -7.72
CA LYS A 132 -6.90 14.23 -8.49
C LYS A 132 -5.82 14.93 -7.65
N LYS A 133 -6.18 15.33 -6.43
CA LYS A 133 -5.25 16.01 -5.57
C LYS A 133 -4.05 15.11 -5.24
N TYR A 134 -4.32 13.82 -5.01
CA TYR A 134 -3.31 12.80 -4.78
C TYR A 134 -2.37 12.70 -5.97
N HIS A 135 -2.94 12.62 -7.16
CA HIS A 135 -2.12 12.56 -8.35
C HIS A 135 -1.21 13.78 -8.46
N GLN A 136 -1.73 14.98 -8.21
CA GLN A 136 -0.98 16.21 -8.31
C GLN A 136 0.17 16.26 -7.31
N TYR A 137 -0.11 15.78 -6.10
CA TYR A 137 0.91 15.65 -5.08
C TYR A 137 2.07 14.77 -5.55
N ILE A 138 1.74 13.65 -6.22
CA ILE A 138 2.76 12.71 -6.69
C ILE A 138 3.63 13.35 -7.77
N VAL A 139 2.98 14.09 -8.66
CA VAL A 139 3.68 14.92 -9.65
C VAL A 139 4.66 15.86 -8.97
N GLU A 140 4.20 16.70 -8.06
CA GLU A 140 5.04 17.67 -7.36
C GLU A 140 6.24 17.07 -6.62
N CYS A 141 6.04 15.96 -5.92
CA CYS A 141 7.17 15.36 -5.19
C CYS A 141 7.93 14.35 -6.06
N HIS A 142 7.66 14.35 -7.36
CA HIS A 142 8.32 13.46 -8.31
C HIS A 142 8.25 12.01 -7.86
N GLY A 143 7.13 11.63 -7.25
CA GLY A 143 6.92 10.24 -6.84
C GLY A 143 7.71 9.77 -5.63
N ILE A 144 8.38 10.71 -4.97
CA ILE A 144 9.19 10.43 -3.80
C ILE A 144 8.40 10.84 -2.56
N THR A 145 7.76 9.86 -1.93
CA THR A 145 6.83 10.10 -0.83
C THR A 145 6.72 8.88 0.10
N LEU A 146 6.19 9.09 1.29
CA LEU A 146 5.94 8.00 2.24
C LEU A 146 4.48 7.57 2.30
N LEU A 147 3.63 8.26 1.55
CA LEU A 147 2.24 7.89 1.33
C LEU A 147 2.10 6.50 0.67
N PRO A 148 0.95 5.82 0.88
CA PRO A 148 0.66 4.63 0.09
C PRO A 148 0.75 4.91 -1.41
N GLN A 149 1.30 3.96 -2.15
CA GLN A 149 1.38 4.04 -3.58
C GLN A 149 0.22 3.28 -4.17
N PHE A 150 -0.82 4.00 -4.57
CA PHE A 150 -2.01 3.36 -5.10
C PHE A 150 -1.81 2.99 -6.54
N LEU A 151 -1.98 1.71 -6.87
CA LEU A 151 -1.64 1.21 -8.20
C LEU A 151 -2.83 0.76 -9.06
N GLY A 152 -3.97 0.56 -8.42
CA GLY A 152 -5.16 0.11 -9.12
C GLY A 152 -6.30 0.04 -8.15
N MET A 153 -7.52 0.12 -8.67
CA MET A 153 -8.72 0.02 -7.86
C MET A 153 -9.82 -0.65 -8.67
N TYR A 154 -10.46 -1.66 -8.09
CA TYR A 154 -11.38 -2.53 -8.85
C TYR A 154 -12.63 -2.89 -8.10
N ARG A 155 -13.66 -3.23 -8.86
CA ARG A 155 -14.85 -3.87 -8.31
C ARG A 155 -15.03 -5.26 -8.90
N LEU A 156 -15.24 -6.27 -8.05
CA LEU A 156 -15.44 -7.64 -8.51
C LEU A 156 -16.82 -8.08 -8.13
N ASN A 157 -17.51 -8.78 -9.03
CA ASN A 157 -18.78 -9.41 -8.71
C ASN A 157 -18.71 -10.86 -9.11
N VAL A 158 -19.06 -11.75 -8.18
CA VAL A 158 -19.26 -13.14 -8.53
C VAL A 158 -20.61 -13.55 -7.99
N ASP A 159 -21.57 -13.76 -8.88
CA ASP A 159 -22.92 -14.22 -8.52
C ASP A 159 -23.35 -13.93 -7.07
N GLY A 160 -23.78 -12.71 -6.82
CA GLY A 160 -24.26 -12.35 -5.48
C GLY A 160 -23.31 -11.46 -4.71
N VAL A 161 -22.05 -11.88 -4.63
CA VAL A 161 -21.03 -11.12 -3.88
C VAL A 161 -20.30 -10.05 -4.70
N GLU A 162 -20.34 -8.82 -4.19
CA GLU A 162 -19.63 -7.68 -4.76
C GLU A 162 -18.54 -7.22 -3.80
N ILE A 163 -17.29 -7.17 -4.25
CA ILE A 163 -16.25 -6.56 -3.42
C ILE A 163 -15.39 -5.53 -4.15
N TYR A 164 -14.77 -4.65 -3.38
CA TYR A 164 -13.90 -3.62 -3.92
C TYR A 164 -12.51 -3.89 -3.43
N VAL A 165 -11.52 -3.77 -4.31
CA VAL A 165 -10.14 -3.89 -3.85
C VAL A 165 -9.26 -2.75 -4.32
N ILE A 166 -8.23 -2.47 -3.53
CA ILE A 166 -7.21 -1.56 -3.96
C ILE A 166 -5.87 -2.30 -3.97
N VAL A 167 -4.97 -1.90 -4.86
CA VAL A 167 -3.63 -2.47 -4.94
C VAL A 167 -2.59 -1.40 -4.58
N THR A 168 -1.64 -1.75 -3.71
CA THR A 168 -0.55 -0.83 -3.36
C THR A 168 0.77 -1.56 -3.38
N ARG A 169 1.86 -0.80 -3.40
CA ARG A 169 3.20 -1.32 -3.22
C ARG A 169 3.40 -1.77 -1.78
N ASN A 170 4.11 -2.87 -1.60
CA ASN A 170 4.41 -3.39 -0.28
C ASN A 170 5.43 -2.47 0.39
N VAL A 171 5.19 -2.13 1.66
CA VAL A 171 6.17 -1.33 2.41
C VAL A 171 7.41 -2.16 2.76
N PHE A 172 7.19 -3.42 3.07
CA PHE A 172 8.26 -4.35 3.40
C PHE A 172 8.95 -4.82 2.13
N SER A 173 10.05 -5.53 2.34
CA SER A 173 10.90 -6.04 1.27
C SER A 173 10.29 -7.26 0.58
N HIS A 174 10.69 -7.52 -0.65
CA HIS A 174 10.22 -8.70 -1.36
C HIS A 174 11.17 -9.89 -1.17
N ARG A 175 12.36 -9.61 -0.65
CA ARG A 175 13.31 -10.66 -0.27
C ARG A 175 13.41 -10.70 1.26
N LEU A 176 13.97 -9.64 1.82
CA LEU A 176 14.41 -9.60 3.20
C LEU A 176 13.24 -9.66 4.17
N SER A 177 13.17 -10.75 4.91
CA SER A 177 12.18 -10.95 5.98
C SER A 177 12.19 -9.83 6.99
N VAL A 178 11.15 -9.78 7.84
CA VAL A 178 10.99 -8.73 8.82
C VAL A 178 10.60 -9.41 10.11
N TYR A 179 11.38 -9.20 11.18
CA TYR A 179 11.16 -9.89 12.45
C TYR A 179 10.36 -9.06 13.47
N ARG A 180 10.23 -7.76 13.24
CA ARG A 180 9.43 -6.92 14.12
C ARG A 180 8.68 -5.88 13.31
N LYS A 181 7.48 -5.53 13.77
CA LYS A 181 6.60 -4.64 13.05
C LYS A 181 5.92 -3.75 14.05
N TYR A 182 5.86 -2.46 13.75
CA TYR A 182 5.17 -1.49 14.58
C TYR A 182 4.14 -0.78 13.74
N ASP A 183 3.28 -0.03 14.43
CA ASP A 183 2.15 0.61 13.81
C ASP A 183 1.94 1.78 14.72
N LEU A 184 2.37 2.96 14.28
CA LEU A 184 2.46 4.07 15.19
C LEU A 184 1.55 5.22 14.77
N LYS A 185 0.82 5.78 15.72
CA LYS A 185 -0.09 6.90 15.46
C LYS A 185 0.29 8.09 16.30
N GLY A 186 0.85 7.82 17.48
CA GLY A 186 1.26 8.85 18.43
C GLY A 186 0.07 9.52 19.08
N SER A 187 -0.91 8.72 19.48
CA SER A 187 -2.14 9.24 20.07
C SER A 187 -2.08 9.36 21.60
N THR A 188 -3.01 10.15 22.17
CA THR A 188 -3.19 10.25 23.61
C THR A 188 -3.80 8.95 24.14
N VAL A 189 -4.91 8.53 23.53
CA VAL A 189 -5.59 7.29 23.89
C VAL A 189 -4.62 6.12 23.92
N ALA A 190 -4.43 5.56 25.12
CA ALA A 190 -3.45 4.51 25.37
C ALA A 190 -3.43 3.45 24.28
N ARG A 191 -2.29 3.31 23.60
CA ARG A 191 -2.13 2.32 22.55
C ARG A 191 -1.19 1.20 22.96
N GLU A 192 -1.76 0.06 23.34
CA GLU A 192 -0.97 -1.13 23.65
C GLU A 192 -1.44 -2.29 22.77
N ALA A 193 -0.57 -3.26 22.54
CA ALA A 193 -0.95 -4.44 21.76
C ALA A 193 -1.63 -5.47 22.65
N SER A 194 -2.32 -6.43 22.01
CA SER A 194 -2.92 -7.55 22.74
C SER A 194 -2.10 -8.83 22.54
N ASP A 195 -2.40 -9.81 23.37
CA ASP A 195 -1.54 -10.97 23.58
C ASP A 195 -1.73 -12.05 22.52
N LYS A 196 -2.93 -12.08 21.94
CA LYS A 196 -3.24 -13.01 20.85
C LYS A 196 -2.35 -12.73 19.64
N GLU A 197 -2.08 -11.44 19.39
CA GLU A 197 -1.17 -11.00 18.32
C GLU A 197 0.25 -11.52 18.58
N LYS A 198 0.74 -11.29 19.80
CA LYS A 198 2.09 -11.72 20.23
C LYS A 198 2.48 -13.14 19.84
N ALA A 199 1.48 -14.03 19.79
CA ALA A 199 1.70 -15.45 19.52
C ALA A 199 1.75 -15.82 18.02
N LYS A 200 1.73 -14.82 17.13
CA LYS A 200 1.86 -15.07 15.70
C LYS A 200 3.31 -14.88 15.23
N GLU A 201 3.65 -15.49 14.08
CA GLU A 201 5.02 -15.45 13.52
C GLU A 201 5.64 -14.05 13.53
N LEU A 202 4.80 -13.03 13.33
CA LEU A 202 5.16 -11.63 13.43
C LEU A 202 3.98 -10.88 14.01
N PRO A 203 4.01 -10.56 15.32
CA PRO A 203 2.96 -9.74 15.94
C PRO A 203 2.83 -8.36 15.28
N THR A 204 1.98 -7.49 15.85
CA THR A 204 1.83 -6.09 15.39
C THR A 204 1.86 -5.15 16.58
N LEU A 205 3.07 -4.75 16.96
CA LEU A 205 3.26 -3.92 18.13
C LEU A 205 2.77 -2.50 17.87
N LYS A 206 2.46 -1.75 18.92
CA LYS A 206 1.85 -0.41 18.80
C LYS A 206 2.66 0.65 19.57
N ASP A 207 2.12 1.87 19.70
CA ASP A 207 2.86 3.00 20.28
C ASP A 207 3.65 2.68 21.55
N ASN A 208 2.96 2.14 22.54
CA ASN A 208 3.53 2.01 23.89
C ASN A 208 4.47 0.81 23.99
N ASP A 209 4.25 -0.21 23.18
CA ASP A 209 5.26 -1.27 22.98
C ASP A 209 6.63 -0.68 22.56
N PHE A 210 6.60 0.42 21.80
CA PHE A 210 7.80 1.09 21.31
C PHE A 210 8.40 1.92 22.44
N ILE A 211 7.63 2.88 22.94
CA ILE A 211 8.04 3.70 24.06
C ILE A 211 7.97 2.93 25.37
N ASN A 212 8.37 1.65 25.34
CA ASN A 212 8.44 0.77 26.53
C ASN A 212 9.48 -0.33 26.38
N GLU A 213 9.49 -1.02 25.25
CA GLU A 213 10.52 -2.04 25.00
C GLU A 213 11.85 -1.41 24.56
N GLY A 214 11.99 -0.11 24.87
CA GLY A 214 13.19 0.68 24.55
C GLY A 214 13.69 0.60 23.11
N GLN A 215 12.77 0.71 22.15
CA GLN A 215 13.14 0.55 20.76
C GLN A 215 13.79 1.82 20.18
N LYS A 216 14.95 1.62 19.57
CA LYS A 216 15.67 2.71 18.92
C LYS A 216 15.79 2.40 17.44
N ILE A 217 15.81 3.45 16.63
CA ILE A 217 16.07 3.31 15.21
C ILE A 217 17.41 3.94 14.93
N TYR A 218 18.41 3.13 14.59
CA TYR A 218 19.76 3.64 14.29
C TYR A 218 19.96 4.00 12.82
N ILE A 219 19.46 5.17 12.44
CA ILE A 219 19.74 5.71 11.11
C ILE A 219 20.54 6.99 11.28
N ASP A 220 21.44 7.25 10.32
CA ASP A 220 22.29 8.44 10.41
C ASP A 220 21.50 9.74 10.30
N ASP A 221 22.13 10.83 10.73
CA ASP A 221 21.47 12.11 10.90
C ASP A 221 21.01 12.71 9.59
N ASN A 222 21.62 12.28 8.49
CA ASN A 222 21.13 12.66 7.16
C ASN A 222 19.85 11.90 6.77
N ASN A 223 19.93 10.57 6.72
CA ASN A 223 18.74 9.75 6.47
C ASN A 223 17.55 10.19 7.34
N LYS A 224 17.81 10.54 8.60
CA LYS A 224 16.77 10.99 9.52
C LYS A 224 16.18 12.34 9.14
N LYS A 225 16.99 13.15 8.44
CA LYS A 225 16.59 14.52 8.07
C LYS A 225 15.66 14.49 6.87
N VAL A 226 16.08 13.74 5.85
CA VAL A 226 15.31 13.50 4.64
C VAL A 226 13.92 12.93 4.97
N PHE A 227 13.91 11.84 5.74
CA PHE A 227 12.70 11.15 6.17
C PHE A 227 11.69 12.08 6.83
N LEU A 228 12.15 12.84 7.82
CA LEU A 228 11.25 13.70 8.57
C LEU A 228 10.74 14.84 7.71
N GLU A 229 11.55 15.28 6.75
CA GLU A 229 11.12 16.33 5.81
C GLU A 229 9.96 15.81 4.95
N LYS A 230 10.19 14.65 4.30
CA LYS A 230 9.15 13.92 3.57
C LYS A 230 7.90 13.73 4.41
N LEU A 231 8.05 13.10 5.57
CA LEU A 231 6.95 12.89 6.49
C LEU A 231 6.14 14.14 6.77
N LYS A 232 6.82 15.28 6.87
CA LYS A 232 6.16 16.55 7.16
C LYS A 232 5.24 16.90 6.01
N LYS A 233 5.79 16.96 4.80
CA LYS A 233 5.02 17.29 3.61
C LYS A 233 3.82 16.36 3.43
N ASP A 234 4.08 15.05 3.48
CA ASP A 234 3.05 14.02 3.30
C ASP A 234 1.89 14.21 4.26
N VAL A 235 2.22 14.39 5.53
CA VAL A 235 1.21 14.47 6.58
C VAL A 235 0.40 15.77 6.49
N GLU A 236 1.05 16.86 6.10
CA GLU A 236 0.33 18.09 5.84
C GLU A 236 -0.67 17.91 4.70
N PHE A 237 -0.23 17.20 3.65
CA PHE A 237 -1.12 16.88 2.54
C PHE A 237 -2.31 16.08 3.07
N LEU A 238 -2.03 15.05 3.87
CA LEU A 238 -3.10 14.23 4.44
C LEU A 238 -4.06 15.04 5.29
N ALA A 239 -3.50 15.92 6.12
CA ALA A 239 -4.31 16.78 6.99
C ALA A 239 -5.19 17.71 6.16
N GLN A 240 -4.60 18.37 5.17
CA GLN A 240 -5.34 19.26 4.28
C GLN A 240 -6.51 18.62 3.51
N LEU A 241 -6.52 17.29 3.43
CA LEU A 241 -7.64 16.56 2.81
C LEU A 241 -8.65 16.10 3.86
N LYS A 242 -8.44 16.52 5.11
CA LYS A 242 -9.24 16.10 6.28
C LYS A 242 -9.16 14.60 6.52
N LEU A 243 -7.99 14.03 6.26
CA LEU A 243 -7.76 12.61 6.51
C LEU A 243 -7.07 12.38 7.84
N MET A 244 -7.38 11.26 8.49
CA MET A 244 -6.74 10.93 9.75
C MET A 244 -6.81 9.44 10.04
N ASP A 245 -6.32 9.07 11.22
CA ASP A 245 -6.26 7.67 11.68
C ASP A 245 -5.26 6.81 10.90
N TYR A 246 -4.36 7.45 10.16
CA TYR A 246 -3.27 6.75 9.48
C TYR A 246 -2.15 6.41 10.45
N SER A 247 -1.35 5.43 10.10
CA SER A 247 -0.25 4.99 10.93
C SER A 247 1.07 5.07 10.20
N LEU A 248 2.16 4.99 10.96
CA LEU A 248 3.45 4.75 10.40
C LEU A 248 3.75 3.29 10.60
N LEU A 249 3.84 2.57 9.50
CA LEU A 249 4.21 1.18 9.57
C LEU A 249 5.73 1.06 9.62
N VAL A 250 6.25 0.41 10.66
CA VAL A 250 7.68 0.26 10.87
C VAL A 250 8.10 -1.20 10.96
N GLY A 251 9.07 -1.61 10.16
CA GLY A 251 9.42 -3.02 10.08
C GLY A 251 10.93 -3.18 9.98
N ILE A 252 11.46 -4.05 10.84
CA ILE A 252 12.89 -4.22 11.02
C ILE A 252 13.37 -5.57 10.54
N HIS A 253 14.40 -5.56 9.72
CA HIS A 253 15.05 -6.79 9.27
C HIS A 253 16.45 -6.96 9.89
N ASP A 254 16.60 -7.96 10.77
CA ASP A 254 17.92 -8.29 11.35
C ASP A 254 18.71 -9.15 10.36
N VAL A 255 19.85 -8.63 9.92
CA VAL A 255 20.69 -9.34 8.96
C VAL A 255 21.26 -10.62 9.58
N GLU A 256 21.75 -10.51 10.82
CA GLU A 256 22.25 -11.67 11.57
C GLU A 256 21.09 -12.50 12.14
N ARG A 257 20.26 -13.01 11.23
CA ARG A 257 19.18 -13.96 11.53
C ARG A 257 18.85 -14.73 10.25
N ALA A 258 18.54 -14.01 9.18
CA ALA A 258 18.20 -14.60 7.89
C ALA A 258 19.41 -14.61 6.96
N GLY A 302 22.68 -8.84 3.86
CA GLY A 302 21.45 -8.08 4.00
C GLY A 302 21.43 -6.77 3.23
N GLU A 303 21.93 -6.80 2.00
CA GLU A 303 21.86 -5.66 1.07
C GLU A 303 20.58 -5.74 0.24
N PHE A 304 19.95 -4.59 0.04
CA PHE A 304 18.66 -4.56 -0.67
C PHE A 304 18.70 -3.67 -1.91
N ASP A 305 17.67 -3.81 -2.74
CA ASP A 305 17.52 -2.98 -3.94
C ASP A 305 16.61 -1.78 -3.63
N PRO A 306 17.19 -0.56 -3.58
CA PRO A 306 16.40 0.61 -3.24
C PRO A 306 15.39 0.97 -4.34
N ASN A 307 15.52 0.30 -5.49
CA ASN A 307 14.66 0.52 -6.64
C ASN A 307 13.47 -0.45 -6.63
N ILE A 308 13.52 -1.46 -5.78
CA ILE A 308 12.38 -2.35 -5.54
C ILE A 308 11.81 -2.12 -4.13
N ASP A 309 12.68 -2.22 -3.13
CA ASP A 309 12.31 -1.98 -1.72
C ASP A 309 12.56 -0.52 -1.41
N VAL A 310 11.63 0.29 -1.89
CA VAL A 310 11.84 1.72 -1.99
C VAL A 310 11.77 2.41 -0.64
N TYR A 311 11.29 1.68 0.37
CA TYR A 311 11.07 2.26 1.69
C TYR A 311 12.18 1.90 2.69
N GLY A 312 13.16 1.14 2.22
CA GLY A 312 14.25 0.72 3.06
C GLY A 312 15.23 1.82 3.41
N ILE A 313 15.72 1.78 4.64
CA ILE A 313 16.83 2.63 5.07
C ILE A 313 17.82 1.76 5.85
N LYS A 314 19.09 1.75 5.40
CA LYS A 314 20.16 1.04 6.11
C LYS A 314 20.41 1.69 7.47
N CYS A 315 20.82 0.89 8.45
CA CYS A 315 21.29 1.43 9.74
C CYS A 315 22.65 2.14 9.58
N HIS A 316 22.96 3.08 10.47
CA HIS A 316 24.31 3.68 10.44
C HIS A 316 25.37 2.69 10.94
N GLU A 317 26.65 3.03 10.74
CA GLU A 317 27.78 2.13 11.03
C GLU A 317 27.94 1.72 12.50
N ASN A 318 27.46 2.54 13.41
CA ASN A 318 27.64 2.27 14.83
C ASN A 318 26.48 1.49 15.48
N SER A 319 25.58 0.99 14.64
CA SER A 319 24.41 0.26 15.10
C SER A 319 24.80 -1.06 15.79
N PRO A 320 24.21 -1.34 16.95
CA PRO A 320 24.49 -2.57 17.71
C PRO A 320 24.31 -3.84 16.90
N ARG A 321 23.31 -3.87 16.02
CA ARG A 321 23.13 -5.00 15.10
C ARG A 321 22.88 -4.50 13.69
N LYS A 322 23.22 -5.33 12.70
CA LYS A 322 23.00 -4.99 11.30
C LYS A 322 21.49 -4.99 11.00
N GLU A 323 20.92 -3.80 10.90
CA GLU A 323 19.47 -3.64 10.72
C GLU A 323 19.10 -2.90 9.43
N VAL A 324 17.98 -3.30 8.83
CA VAL A 324 17.38 -2.55 7.72
C VAL A 324 15.95 -2.18 8.11
N TYR A 325 15.61 -0.90 8.00
CA TYR A 325 14.31 -0.39 8.44
C TYR A 325 13.41 -0.13 7.24
N PHE A 326 12.11 -0.39 7.41
CA PHE A 326 11.12 -0.14 6.37
C PHE A 326 9.98 0.64 6.96
N MET A 327 9.84 1.87 6.51
CA MET A 327 8.90 2.77 7.14
C MET A 327 8.13 3.55 6.07
N ALA A 328 6.83 3.68 6.29
CA ALA A 328 5.96 4.41 5.39
C ALA A 328 4.60 4.60 6.05
N ILE A 329 3.78 5.47 5.47
CA ILE A 329 2.44 5.70 5.99
C ILE A 329 1.47 4.70 5.37
N ILE A 330 0.54 4.22 6.19
CA ILE A 330 -0.47 3.28 5.77
C ILE A 330 -1.80 3.72 6.35
N ASP A 331 -2.89 3.18 5.80
CA ASP A 331 -4.28 3.33 6.32
C ASP A 331 -4.79 4.76 6.25
N ILE A 332 -4.83 5.33 5.05
CA ILE A 332 -5.17 6.75 4.97
C ILE A 332 -6.63 7.09 4.70
N LEU A 333 -7.44 6.11 4.34
CA LEU A 333 -8.78 6.40 3.77
C LEU A 333 -9.97 6.58 4.74
N THR A 334 -9.71 6.86 6.01
CA THR A 334 -10.82 7.27 6.88
C THR A 334 -10.89 8.80 7.01
N HIS A 335 -12.12 9.29 6.95
CA HIS A 335 -12.43 10.73 6.96
C HIS A 335 -13.19 11.13 8.25
N VAL A 360 -8.89 15.56 18.79
CA VAL A 360 -9.88 14.69 18.14
C VAL A 360 -9.92 14.83 16.61
N ASN A 361 -9.66 16.04 16.08
CA ASN A 361 -9.84 16.34 14.64
C ASN A 361 -8.65 15.91 13.72
N PRO A 362 -8.73 16.20 12.39
CA PRO A 362 -7.60 15.88 11.50
C PRO A 362 -6.40 16.80 11.71
N GLU A 363 -6.69 18.07 11.98
CA GLU A 363 -5.66 19.09 12.16
C GLU A 363 -4.56 18.73 13.14
N GLN A 364 -4.94 18.57 14.40
CA GLN A 364 -3.95 18.31 15.44
C GLN A 364 -3.43 16.88 15.37
N TYR A 365 -4.24 15.97 14.84
CA TYR A 365 -3.82 14.57 14.63
C TYR A 365 -2.50 14.53 13.88
N SER A 366 -2.37 15.39 12.87
CA SER A 366 -1.15 15.47 12.10
C SER A 366 0.04 15.90 12.98
N LYS A 367 -0.10 17.04 13.66
CA LYS A 367 0.93 17.54 14.60
C LYS A 367 1.27 16.47 15.66
N ARG A 368 0.23 15.96 16.31
CA ARG A 368 0.35 14.90 17.30
C ARG A 368 1.13 13.70 16.74
N PHE A 369 0.89 13.39 15.47
CA PHE A 369 1.58 12.32 14.74
C PHE A 369 3.05 12.70 14.53
N LEU A 370 3.27 13.95 14.13
CA LEU A 370 4.62 14.43 13.85
C LEU A 370 5.47 14.61 15.12
N ASP A 371 4.83 15.03 16.20
CA ASP A 371 5.49 15.12 17.51
C ASP A 371 6.10 13.76 17.85
N PHE A 372 5.24 12.75 17.86
CA PHE A 372 5.64 11.42 18.26
C PHE A 372 6.82 10.87 17.49
N ILE A 373 6.76 10.97 16.16
CA ILE A 373 7.78 10.34 15.30
C ILE A 373 9.12 11.04 15.39
N GLY A 374 9.06 12.37 15.55
CA GLY A 374 10.26 13.18 15.76
C GLY A 374 11.03 12.72 16.97
N HIS A 375 10.30 12.36 18.04
CA HIS A 375 10.85 11.88 19.31
C HIS A 375 11.49 10.51 19.18
N ILE A 376 10.71 9.56 18.69
CA ILE A 376 11.09 8.15 18.72
C ILE A 376 12.22 7.79 17.76
N LEU A 377 12.40 8.62 16.73
CA LEU A 377 13.37 8.32 15.70
C LEU A 377 14.70 8.97 16.05
N1 R78 B . 2.54 -2.76 2.65
N3 R78 B . -0.97 -1.89 4.53
C4 R78 B . 1.84 -1.59 2.28
C5 R78 B . -1.89 -0.81 3.99
C6 R78 B . -1.23 0.16 3.20
C7 R78 B . 2.48 -5.44 5.00
C8 R78 B . -1.31 -2.75 5.73
C10 R78 B . -3.24 -0.92 1.75
C13 R78 B . -3.35 -3.98 5.40
C15 R78 B . -2.35 -2.16 6.67
C17 R78 B . 2.58 -7.66 5.96
C20 R78 B . 1.92 -4.94 6.19
C21 R78 B . 1.78 -8.10 8.20
C22 R78 B . 2.10 -10.53 8.87
C24 R78 B . 0.57 -12.59 9.42
C28 R78 B . 3.03 -12.90 9.16
O2 R78 B . 1.18 -7.75 9.22
N6 R78 B . 2.21 -9.36 7.96
C29 R78 B . 3.17 -11.56 8.43
N7 R78 B . 1.69 -13.49 9.01
C30 R78 B . 1.51 -14.17 7.71
C23 R78 B . 0.65 -11.13 8.85
C18 R78 B . 2.02 -7.19 7.15
C16 R78 B . 2.82 -6.80 4.89
O3 R78 B . 3.38 -7.22 3.70
C31 R78 B . 4.33 -8.30 3.75
C19 R78 B . 1.68 -5.82 7.25
N5 R78 B . 2.76 -4.68 3.92
C1 R78 B . 2.04 -3.58 3.60
N2 R78 B . 0.89 -3.25 4.19
C2 R78 B . 0.19 -2.15 3.89
C14 R78 B . -3.64 -2.96 6.50
C12 R78 B . -1.84 -4.13 5.33
C9 R78 B . -3.08 -1.42 3.19
O1 R78 B . -1.76 1.26 3.00
N4 R78 B . -0.04 -0.13 2.60
C11 R78 B . 0.59 0.94 1.77
C3 R78 B . 0.63 -1.27 2.90
S SO4 C . -6.24 1.73 17.17
O1 SO4 C . -6.43 0.75 18.26
O2 SO4 C . -5.63 1.05 16.01
O3 SO4 C . -5.39 2.85 17.66
O4 SO4 C . -7.55 2.31 16.80
S SO4 D . -23.26 -0.92 -12.08
O1 SO4 D . -22.77 -2.29 -12.40
O2 SO4 D . -23.63 -0.86 -10.65
O3 SO4 D . -22.23 0.12 -12.37
O4 SO4 D . -24.47 -0.69 -12.90
S SO4 E . -24.71 -4.76 -15.91
O1 SO4 E . -25.20 -5.98 -15.23
O2 SO4 E . -23.54 -4.21 -15.17
O3 SO4 E . -24.30 -5.11 -17.30
O4 SO4 E . -25.79 -3.75 -15.95
#